data_5Q0P
#
_entry.id   5Q0P
#
_cell.length_a   71.880
_cell.length_b   84.860
_cell.length_c   190.650
_cell.angle_alpha   90.000
_cell.angle_beta   90.000
_cell.angle_gamma   90.000
#
_symmetry.space_group_name_H-M   'C 2 2 21'
#
loop_
_entity.id
_entity.type
_entity.pdbx_description
1 polymer 'Bile acid receptor'
2 polymer 'COACTIVATOR PEPTIDE SRC-1 HD3'
3 non-polymer '4-{(2S)-2-[2-(4-chlorophenyl)-5,6-difluoro-1H-benzimidazol-1-yl]-2-cyclohexylethoxy}benzoic acid'
4 water water
#
loop_
_entity_poly.entity_id
_entity_poly.type
_entity_poly.pdbx_seq_one_letter_code
_entity_poly.pdbx_strand_id
1 'polypeptide(L)'
;GSHMELTPDQQTLLHFIMDSYNKQRMPQEITNKILKEAFSAEENFLILTEMATNHVQVLVEFTKKLPGFQTLDHEDQIAL
LKGSAVEAMFLRSAEIFNKKLPSGHSDLLEARIRNSGISDEYITPMFSFYKSIGELKMTQEEYALLTAIVILSPDRQYIK
DREAVEKLQEPLLDVLQKLCKIHQPENPQHFACLLGRLTELRTFNHHHAEMLMSWRVNDHKFTPLLCEIWDVQ
;
A,C
2 'polypeptide(L)' KDHQLLRYLLDKDE B,D
#
loop_
_chem_comp.id
_chem_comp.type
_chem_comp.name
_chem_comp.formula
9LA non-polymer '4-{(2S)-2-[2-(4-chlorophenyl)-5,6-difluoro-1H-benzimidazol-1-yl]-2-cyclohexylethoxy}benzoic acid' 'C28 H25 Cl F2 N2 O3'
#
# COMPACT_ATOMS: atom_id res chain seq x y z
N MET A 4 -23.81 -43.84 1.61
CA MET A 4 -22.73 -43.56 0.66
C MET A 4 -23.13 -42.44 -0.31
N GLU A 5 -23.83 -42.78 -1.41
CA GLU A 5 -24.31 -41.94 -2.50
C GLU A 5 -25.54 -41.12 -2.13
N LEU A 6 -25.75 -39.97 -2.82
CA LEU A 6 -26.93 -39.14 -2.62
C LEU A 6 -28.14 -39.91 -3.16
N THR A 7 -29.28 -39.78 -2.51
CA THR A 7 -30.53 -40.41 -2.95
C THR A 7 -31.15 -39.52 -4.05
N PRO A 8 -32.18 -39.99 -4.82
CA PRO A 8 -32.80 -39.10 -5.82
C PRO A 8 -33.33 -37.80 -5.21
N ASP A 9 -33.93 -37.88 -3.98
CA ASP A 9 -34.46 -36.72 -3.27
C ASP A 9 -33.35 -35.72 -2.91
N GLN A 10 -32.17 -36.23 -2.51
CA GLN A 10 -31.03 -35.42 -2.16
C GLN A 10 -30.47 -34.75 -3.39
N GLN A 11 -30.43 -35.47 -4.54
CA GLN A 11 -29.94 -34.88 -5.80
C GLN A 11 -30.84 -33.71 -6.21
N THR A 12 -32.16 -33.85 -6.02
CA THR A 12 -33.18 -32.84 -6.30
C THR A 12 -32.94 -31.62 -5.42
N LEU A 13 -32.75 -31.87 -4.11
CA LEU A 13 -32.48 -30.81 -3.14
C LEU A 13 -31.21 -30.05 -3.53
N LEU A 14 -30.13 -30.78 -3.83
CA LEU A 14 -28.86 -30.20 -4.25
C LEU A 14 -28.96 -29.31 -5.48
N HIS A 15 -29.56 -29.80 -6.60
CA HIS A 15 -29.65 -28.99 -7.82
C HIS A 15 -30.51 -27.76 -7.62
N PHE A 16 -31.57 -27.88 -6.79
CA PHE A 16 -32.46 -26.78 -6.45
C PHE A 16 -31.72 -25.68 -5.69
N ILE A 17 -30.90 -26.07 -4.69
CA ILE A 17 -30.10 -25.13 -3.88
C ILE A 17 -29.08 -24.45 -4.80
N MET A 18 -28.42 -25.21 -5.70
CA MET A 18 -27.45 -24.67 -6.66
C MET A 18 -28.05 -23.63 -7.57
N ASP A 19 -29.20 -23.95 -8.20
CA ASP A 19 -29.93 -23.05 -9.10
C ASP A 19 -30.30 -21.74 -8.38
N SER A 20 -30.72 -21.84 -7.10
CA SER A 20 -31.10 -20.70 -6.27
C SER A 20 -29.86 -19.87 -5.94
N TYR A 21 -28.78 -20.55 -5.52
CA TYR A 21 -27.51 -19.91 -5.13
C TYR A 21 -26.85 -19.17 -6.29
N ASN A 22 -26.98 -19.70 -7.52
CA ASN A 22 -26.38 -19.12 -8.72
C ASN A 22 -27.06 -17.84 -9.25
N LYS A 23 -28.11 -17.33 -8.57
CA LYS A 23 -28.76 -16.06 -8.95
C LYS A 23 -27.96 -14.84 -8.45
N GLN A 24 -26.83 -15.10 -7.80
CA GLN A 24 -25.92 -14.10 -7.23
C GLN A 24 -25.03 -13.48 -8.30
N ARG A 25 -24.37 -12.37 -7.97
CA ARG A 25 -23.40 -11.74 -8.87
C ARG A 25 -22.22 -12.71 -8.94
N MET A 26 -21.66 -12.88 -10.14
CA MET A 26 -20.51 -13.76 -10.36
C MET A 26 -19.29 -13.19 -9.66
N PRO A 27 -18.40 -14.02 -9.06
CA PRO A 27 -17.19 -13.47 -8.41
C PRO A 27 -16.38 -12.59 -9.37
N GLN A 28 -16.31 -12.97 -10.68
CA GLN A 28 -15.57 -12.19 -11.69
C GLN A 28 -16.07 -10.74 -11.77
N GLU A 29 -17.40 -10.52 -11.63
CA GLU A 29 -18.03 -9.19 -11.67
C GLU A 29 -17.47 -8.31 -10.53
N ILE A 30 -17.32 -8.89 -9.34
CA ILE A 30 -16.80 -8.21 -8.15
C ILE A 30 -15.30 -7.97 -8.24
N THR A 31 -14.50 -9.03 -8.55
CA THR A 31 -13.04 -8.92 -8.61
C THR A 31 -12.57 -8.06 -9.78
N ASN A 32 -13.28 -8.07 -10.92
CA ASN A 32 -12.92 -7.24 -12.08
C ASN A 32 -12.99 -5.76 -11.73
N LYS A 33 -14.03 -5.36 -10.97
CA LYS A 33 -14.28 -4.00 -10.50
C LYS A 33 -13.13 -3.50 -9.60
N ILE A 34 -12.71 -4.33 -8.63
CA ILE A 34 -11.64 -4.01 -7.67
C ILE A 34 -10.25 -4.03 -8.34
N LEU A 35 -10.04 -4.94 -9.30
CA LEU A 35 -8.75 -5.06 -9.97
C LEU A 35 -8.53 -4.03 -11.06
N LYS A 36 -9.62 -3.53 -11.69
CA LYS A 36 -9.57 -2.58 -12.81
C LYS A 36 -8.76 -1.33 -12.51
N GLU A 37 -9.05 -0.68 -11.38
CA GLU A 37 -8.40 0.56 -10.98
C GLU A 37 -8.49 0.74 -9.48
N ALA A 38 -7.60 1.56 -8.92
CA ALA A 38 -7.60 1.86 -7.48
C ALA A 38 -8.60 3.00 -7.25
N PHE A 39 -9.34 2.92 -6.15
CA PHE A 39 -10.33 3.94 -5.81
C PHE A 39 -9.95 4.56 -4.48
N SER A 40 -10.50 5.74 -4.17
CA SER A 40 -10.27 6.39 -2.89
C SER A 40 -11.05 5.61 -1.82
N ALA A 41 -10.78 5.90 -0.53
CA ALA A 41 -11.49 5.27 0.59
C ALA A 41 -12.98 5.62 0.50
N GLU A 42 -13.28 6.86 0.09
CA GLU A 42 -14.64 7.40 -0.08
C GLU A 42 -15.40 6.64 -1.17
N GLU A 43 -14.76 6.41 -2.33
CA GLU A 43 -15.35 5.67 -3.45
C GLU A 43 -15.58 4.21 -3.07
N ASN A 44 -14.59 3.59 -2.38
CA ASN A 44 -14.68 2.18 -1.94
C ASN A 44 -15.77 1.95 -0.91
N PHE A 45 -16.03 2.94 -0.03
CA PHE A 45 -17.10 2.83 0.97
C PHE A 45 -18.45 2.75 0.26
N LEU A 46 -18.62 3.54 -0.82
CA LEU A 46 -19.84 3.54 -1.62
C LEU A 46 -20.02 2.27 -2.41
N ILE A 47 -18.90 1.71 -2.93
CA ILE A 47 -18.89 0.44 -3.67
C ILE A 47 -19.34 -0.66 -2.67
N LEU A 48 -18.75 -0.65 -1.45
CA LEU A 48 -19.10 -1.59 -0.39
C LEU A 48 -20.59 -1.53 -0.03
N THR A 49 -21.13 -0.35 0.29
CA THR A 49 -22.55 -0.19 0.66
C THR A 49 -23.50 -0.68 -0.44
N GLU A 50 -23.17 -0.40 -1.72
CA GLU A 50 -23.94 -0.87 -2.88
C GLU A 50 -23.94 -2.40 -2.91
N MET A 51 -22.74 -3.01 -2.87
CA MET A 51 -22.53 -4.45 -2.92
C MET A 51 -23.21 -5.16 -1.76
N ALA A 52 -23.12 -4.57 -0.53
CA ALA A 52 -23.75 -5.12 0.67
C ALA A 52 -25.28 -5.09 0.58
N THR A 53 -25.84 -4.01 0.01
CA THR A 53 -27.29 -3.86 -0.18
C THR A 53 -27.79 -4.93 -1.16
N ASN A 54 -27.07 -5.12 -2.27
CA ASN A 54 -27.45 -6.13 -3.26
C ASN A 54 -27.35 -7.50 -2.64
N HIS A 55 -26.26 -7.75 -1.88
CA HIS A 55 -26.08 -9.05 -1.23
C HIS A 55 -27.28 -9.42 -0.33
N VAL A 56 -27.75 -8.50 0.53
CA VAL A 56 -28.91 -8.76 1.41
C VAL A 56 -30.19 -9.04 0.59
N GLN A 57 -30.44 -8.25 -0.44
CA GLN A 57 -31.63 -8.41 -1.28
C GLN A 57 -31.66 -9.80 -1.96
N VAL A 58 -30.50 -10.24 -2.47
CA VAL A 58 -30.31 -11.53 -3.13
C VAL A 58 -30.45 -12.66 -2.07
N LEU A 59 -29.89 -12.43 -0.86
CA LEU A 59 -29.94 -13.39 0.24
C LEU A 59 -31.38 -13.68 0.67
N VAL A 60 -32.21 -12.63 0.75
CA VAL A 60 -33.63 -12.78 1.13
C VAL A 60 -34.34 -13.68 0.10
N GLU A 61 -34.08 -13.45 -1.20
CA GLU A 61 -34.67 -14.27 -2.27
C GLU A 61 -34.21 -15.73 -2.18
N PHE A 62 -32.92 -15.97 -1.86
CA PHE A 62 -32.35 -17.31 -1.69
C PHE A 62 -33.01 -18.02 -0.50
N THR A 63 -33.14 -17.31 0.63
CA THR A 63 -33.73 -17.80 1.87
C THR A 63 -35.20 -18.22 1.70
N LYS A 64 -35.98 -17.42 0.97
CA LYS A 64 -37.40 -17.68 0.69
C LYS A 64 -37.60 -18.96 -0.10
N LYS A 65 -36.58 -19.37 -0.86
CA LYS A 65 -36.62 -20.59 -1.68
C LYS A 65 -36.17 -21.81 -0.88
N LEU A 66 -35.53 -21.63 0.29
CA LEU A 66 -35.08 -22.77 1.08
C LEU A 66 -36.29 -23.62 1.48
N PRO A 67 -36.30 -24.93 1.15
CA PRO A 67 -37.48 -25.77 1.48
C PRO A 67 -37.92 -25.67 2.94
N GLY A 68 -39.20 -25.37 3.10
CA GLY A 68 -39.86 -25.19 4.40
C GLY A 68 -39.71 -23.83 5.04
N PHE A 69 -38.81 -22.96 4.56
CA PHE A 69 -38.60 -21.65 5.20
C PHE A 69 -39.90 -20.84 5.38
N GLN A 70 -40.74 -20.80 4.36
CA GLN A 70 -41.97 -20.02 4.38
C GLN A 70 -43.07 -20.65 5.24
N THR A 71 -42.83 -21.88 5.78
CA THR A 71 -43.78 -22.56 6.69
C THR A 71 -43.45 -22.15 8.13
N LEU A 72 -42.28 -21.54 8.34
CA LEU A 72 -41.85 -21.13 9.68
C LEU A 72 -42.63 -19.92 10.20
N ASP A 73 -42.67 -19.77 11.53
CA ASP A 73 -43.25 -18.61 12.22
C ASP A 73 -42.61 -17.35 11.61
N HIS A 74 -43.41 -16.32 11.29
CA HIS A 74 -42.94 -15.09 10.67
C HIS A 74 -41.87 -14.35 11.46
N GLU A 75 -41.96 -14.36 12.81
CA GLU A 75 -40.95 -13.72 13.66
C GLU A 75 -39.64 -14.49 13.64
N ASP A 76 -39.72 -15.84 13.58
CA ASP A 76 -38.55 -16.71 13.48
C ASP A 76 -37.85 -16.53 12.14
N GLN A 77 -38.65 -16.33 11.05
CA GLN A 77 -38.12 -16.05 9.71
C GLN A 77 -37.24 -14.80 9.74
N ILE A 78 -37.71 -13.71 10.40
CA ILE A 78 -36.98 -12.44 10.54
C ILE A 78 -35.70 -12.71 11.35
N ALA A 79 -35.84 -13.45 12.47
CA ALA A 79 -34.71 -13.76 13.36
C ALA A 79 -33.61 -14.55 12.64
N LEU A 80 -34.01 -15.46 11.75
CA LEU A 80 -33.04 -16.26 10.96
C LEU A 80 -32.29 -15.38 9.96
N LEU A 81 -33.02 -14.52 9.22
CA LEU A 81 -32.41 -13.65 8.22
C LEU A 81 -31.54 -12.59 8.86
N LYS A 82 -32.05 -11.93 9.91
CA LYS A 82 -31.27 -10.93 10.64
C LYS A 82 -30.00 -11.56 11.26
N GLY A 83 -30.13 -12.78 11.80
CA GLY A 83 -29.03 -13.47 12.44
C GLY A 83 -27.94 -13.97 11.51
N SER A 84 -28.26 -14.22 10.23
CA SER A 84 -27.30 -14.80 9.27
C SER A 84 -26.81 -13.88 8.15
N ALA A 85 -27.48 -12.75 7.89
CA ALA A 85 -27.14 -11.88 6.74
C ALA A 85 -25.67 -11.47 6.63
N VAL A 86 -25.06 -11.03 7.74
CA VAL A 86 -23.66 -10.59 7.74
C VAL A 86 -22.69 -11.76 7.61
N GLU A 87 -22.93 -12.85 8.36
CA GLU A 87 -22.12 -14.07 8.24
C GLU A 87 -22.14 -14.57 6.79
N ALA A 88 -23.34 -14.55 6.14
CA ALA A 88 -23.49 -14.99 4.75
C ALA A 88 -22.66 -14.11 3.79
N MET A 89 -22.62 -12.78 4.03
CA MET A 89 -21.81 -11.89 3.19
CA MET A 89 -21.81 -11.86 3.21
C MET A 89 -20.33 -12.22 3.34
N PHE A 90 -19.87 -12.48 4.57
CA PHE A 90 -18.47 -12.83 4.79
C PHE A 90 -18.13 -14.20 4.21
N LEU A 91 -19.06 -15.15 4.25
CA LEU A 91 -18.82 -16.47 3.62
C LEU A 91 -18.71 -16.32 2.11
N ARG A 92 -19.58 -15.49 1.50
CA ARG A 92 -19.53 -15.24 0.05
C ARG A 92 -18.23 -14.48 -0.30
N SER A 93 -17.78 -13.55 0.57
CA SER A 93 -16.53 -12.79 0.39
C SER A 93 -15.35 -13.77 0.36
N ALA A 94 -15.35 -14.77 1.29
CA ALA A 94 -14.33 -15.81 1.35
C ALA A 94 -14.34 -16.62 0.04
N GLU A 95 -15.53 -17.03 -0.46
CA GLU A 95 -15.71 -17.72 -1.74
C GLU A 95 -15.13 -16.91 -2.91
N ILE A 96 -15.46 -15.62 -2.99
CA ILE A 96 -14.99 -14.72 -4.06
C ILE A 96 -13.45 -14.62 -3.98
N PHE A 97 -12.88 -14.42 -2.76
CA PHE A 97 -11.44 -14.30 -2.55
C PHE A 97 -10.66 -15.56 -2.98
N ASN A 98 -11.23 -16.74 -2.77
CA ASN A 98 -10.57 -18.01 -3.07
C ASN A 98 -10.77 -18.51 -4.50
N LYS A 99 -11.55 -17.78 -5.35
CA LYS A 99 -11.69 -18.15 -6.76
C LYS A 99 -10.35 -17.93 -7.45
N LYS A 100 -9.84 -18.93 -8.20
CA LYS A 100 -8.56 -18.82 -8.90
C LYS A 100 -8.59 -17.73 -9.97
N LEU A 101 -7.53 -16.92 -10.00
CA LEU A 101 -7.34 -15.82 -10.93
C LEU A 101 -5.97 -15.95 -11.62
N PRO A 102 -5.68 -15.20 -12.72
CA PRO A 102 -4.33 -15.28 -13.33
C PRO A 102 -3.23 -14.87 -12.33
N SER A 103 -1.99 -15.32 -12.57
CA SER A 103 -0.82 -15.02 -11.72
C SER A 103 -0.74 -13.54 -11.31
N GLY A 104 -0.53 -13.30 -10.02
CA GLY A 104 -0.41 -11.96 -9.43
C GLY A 104 -1.70 -11.24 -9.09
N HIS A 105 -2.85 -11.65 -9.70
CA HIS A 105 -4.17 -11.02 -9.51
C HIS A 105 -4.70 -11.11 -8.09
N SER A 106 -4.62 -12.31 -7.46
CA SER A 106 -5.10 -12.47 -6.07
C SER A 106 -4.29 -11.64 -5.08
N ASP A 107 -2.96 -11.49 -5.33
CA ASP A 107 -2.09 -10.64 -4.51
C ASP A 107 -2.50 -9.17 -4.67
N LEU A 108 -2.81 -8.73 -5.91
CA LEU A 108 -3.26 -7.36 -6.18
C LEU A 108 -4.61 -7.11 -5.53
N LEU A 109 -5.54 -8.08 -5.64
CA LEU A 109 -6.87 -8.02 -5.05
C LEU A 109 -6.76 -7.83 -3.53
N GLU A 110 -5.89 -8.61 -2.86
CA GLU A 110 -5.67 -8.51 -1.41
C GLU A 110 -5.15 -7.13 -1.03
N ALA A 111 -4.13 -6.65 -1.77
CA ALA A 111 -3.53 -5.34 -1.55
C ALA A 111 -4.54 -4.20 -1.73
N ARG A 112 -5.43 -4.29 -2.75
CA ARG A 112 -6.47 -3.28 -2.98
C ARG A 112 -7.46 -3.25 -1.80
N ILE A 113 -7.92 -4.42 -1.33
CA ILE A 113 -8.85 -4.53 -0.22
C ILE A 113 -8.20 -4.01 1.08
N ARG A 114 -6.92 -4.34 1.30
CA ARG A 114 -6.14 -3.87 2.47
C ARG A 114 -6.11 -2.33 2.53
N ASN A 115 -6.07 -1.67 1.35
CA ASN A 115 -5.99 -0.21 1.18
C ASN A 115 -7.32 0.45 0.80
N SER A 116 -8.45 -0.27 1.00
CA SER A 116 -9.78 0.23 0.63
C SER A 116 -10.34 1.31 1.58
N GLY A 117 -9.79 1.41 2.78
CA GLY A 117 -10.26 2.34 3.81
C GLY A 117 -10.62 1.63 5.10
N ILE A 118 -10.76 0.29 5.04
CA ILE A 118 -11.03 -0.59 6.18
C ILE A 118 -9.90 -0.44 7.21
N SER A 119 -10.27 -0.34 8.50
CA SER A 119 -9.34 -0.16 9.62
C SER A 119 -8.42 -1.34 9.80
N ASP A 120 -7.14 -1.04 10.15
CA ASP A 120 -6.05 -2.01 10.32
C ASP A 120 -6.40 -3.19 11.22
N GLU A 121 -7.12 -2.94 12.33
CA GLU A 121 -7.55 -3.94 13.32
C GLU A 121 -8.54 -4.97 12.77
N TYR A 122 -9.23 -4.66 11.66
CA TYR A 122 -10.18 -5.62 11.07
C TYR A 122 -9.57 -6.36 9.88
N ILE A 123 -8.46 -5.84 9.30
CA ILE A 123 -7.75 -6.38 8.13
C ILE A 123 -7.26 -7.82 8.37
N THR A 124 -6.35 -8.02 9.36
CA THR A 124 -5.77 -9.32 9.69
C THR A 124 -6.87 -10.37 10.02
N PRO A 125 -7.83 -10.15 10.97
CA PRO A 125 -8.87 -11.18 11.19
C PRO A 125 -9.68 -11.54 9.93
N MET A 126 -9.93 -10.54 9.06
CA MET A 126 -10.69 -10.72 7.83
C MET A 126 -9.98 -11.66 6.84
N PHE A 127 -8.72 -11.34 6.48
CA PHE A 127 -7.94 -12.15 5.56
C PHE A 127 -7.53 -13.50 6.16
N SER A 128 -7.41 -13.58 7.51
CA SER A 128 -7.10 -14.83 8.21
C SER A 128 -8.28 -15.79 8.03
N PHE A 129 -9.53 -15.25 8.15
CA PHE A 129 -10.74 -16.02 7.93
C PHE A 129 -10.84 -16.49 6.46
N TYR A 130 -10.64 -15.58 5.51
CA TYR A 130 -10.68 -15.93 4.08
C TYR A 130 -9.70 -17.03 3.72
N LYS A 131 -8.46 -16.94 4.21
CA LYS A 131 -7.43 -17.92 3.92
C LYS A 131 -7.69 -19.27 4.64
N SER A 132 -8.29 -19.24 5.86
CA SER A 132 -8.66 -20.49 6.56
C SER A 132 -9.78 -21.23 5.80
N ILE A 133 -10.76 -20.48 5.23
CA ILE A 133 -11.84 -21.03 4.37
C ILE A 133 -11.22 -21.65 3.12
N GLY A 134 -10.25 -20.93 2.56
CA GLY A 134 -9.57 -21.34 1.32
C GLY A 134 -8.87 -22.67 1.42
N GLU A 135 -8.28 -22.97 2.59
CA GLU A 135 -7.56 -24.22 2.89
C GLU A 135 -8.47 -25.45 2.82
N LEU A 136 -9.78 -25.24 3.03
CA LEU A 136 -10.79 -26.30 2.95
C LEU A 136 -11.00 -26.79 1.52
N LYS A 137 -10.59 -25.99 0.49
CA LYS A 137 -10.71 -26.27 -0.96
C LYS A 137 -12.16 -26.67 -1.35
N MET A 138 -13.11 -25.88 -0.86
CA MET A 138 -14.54 -26.11 -1.03
C MET A 138 -14.99 -26.01 -2.47
N THR A 139 -15.95 -26.86 -2.85
CA THR A 139 -16.58 -26.82 -4.18
C THR A 139 -17.74 -25.83 -4.10
N GLN A 140 -18.31 -25.48 -5.26
CA GLN A 140 -19.46 -24.58 -5.34
C GLN A 140 -20.68 -25.12 -4.55
N GLU A 141 -20.86 -26.44 -4.58
CA GLU A 141 -21.98 -27.13 -3.89
C GLU A 141 -21.81 -27.01 -2.39
N GLU A 142 -20.55 -27.08 -1.92
CA GLU A 142 -20.24 -26.92 -0.51
C GLU A 142 -20.52 -25.51 -0.03
N TYR A 143 -20.17 -24.48 -0.83
CA TYR A 143 -20.46 -23.10 -0.44
C TYR A 143 -21.97 -22.87 -0.36
N ALA A 144 -22.73 -23.36 -1.35
CA ALA A 144 -24.18 -23.19 -1.40
C ALA A 144 -24.87 -23.85 -0.22
N LEU A 145 -24.52 -25.12 0.05
CA LEU A 145 -25.08 -25.84 1.19
C LEU A 145 -24.66 -25.21 2.50
N LEU A 146 -23.38 -24.83 2.62
CA LEU A 146 -22.94 -24.19 3.86
C LEU A 146 -23.68 -22.87 4.13
N THR A 147 -23.95 -22.07 3.08
CA THR A 147 -24.72 -20.81 3.20
C THR A 147 -26.13 -21.12 3.72
N ALA A 148 -26.81 -22.11 3.11
CA ALA A 148 -28.15 -22.56 3.55
C ALA A 148 -28.14 -23.02 5.01
N ILE A 149 -27.07 -23.76 5.43
CA ILE A 149 -26.90 -24.27 6.79
C ILE A 149 -26.73 -23.10 7.80
N VAL A 150 -25.97 -22.07 7.41
CA VAL A 150 -25.75 -20.83 8.21
C VAL A 150 -27.11 -20.15 8.44
N ILE A 151 -27.90 -19.97 7.37
CA ILE A 151 -29.21 -19.30 7.43
C ILE A 151 -30.15 -20.10 8.34
N LEU A 152 -30.22 -21.40 8.13
CA LEU A 152 -31.12 -22.24 8.94
C LEU A 152 -30.46 -22.71 10.26
N SER A 153 -29.84 -21.77 11.01
CA SER A 153 -29.23 -22.05 12.31
C SER A 153 -30.29 -22.04 13.41
N PRO A 154 -30.56 -23.21 14.04
CA PRO A 154 -31.60 -23.27 15.08
C PRO A 154 -31.24 -22.55 16.37
N ASP A 155 -29.93 -22.38 16.63
CA ASP A 155 -29.42 -21.76 17.85
C ASP A 155 -29.30 -20.22 17.78
N ARG A 156 -29.97 -19.55 16.83
CA ARG A 156 -29.93 -18.08 16.77
C ARG A 156 -30.73 -17.46 17.92
N GLN A 157 -30.31 -16.27 18.36
CA GLN A 157 -31.00 -15.51 19.40
C GLN A 157 -32.37 -15.07 18.86
N TYR A 158 -33.40 -15.19 19.71
CA TYR A 158 -34.80 -14.82 19.54
C TYR A 158 -35.66 -15.90 18.85
N ILE A 159 -35.06 -17.02 18.39
CA ILE A 159 -35.80 -18.14 17.78
C ILE A 159 -36.69 -18.78 18.84
N LYS A 160 -38.02 -18.85 18.57
CA LYS A 160 -39.01 -19.42 19.49
C LYS A 160 -39.12 -20.94 19.32
N ASP A 161 -39.22 -21.41 18.07
CA ASP A 161 -39.37 -22.83 17.76
C ASP A 161 -38.10 -23.36 17.08
N ARG A 162 -37.14 -23.81 17.91
CA ARG A 162 -35.86 -24.34 17.46
C ARG A 162 -35.98 -25.61 16.66
N GLU A 163 -36.84 -26.55 17.14
CA GLU A 163 -37.06 -27.85 16.49
C GLU A 163 -37.55 -27.71 15.06
N ALA A 164 -38.43 -26.71 14.79
CA ALA A 164 -38.94 -26.42 13.44
C ALA A 164 -37.76 -26.04 12.50
N VAL A 165 -36.78 -25.30 13.02
CA VAL A 165 -35.58 -24.88 12.26
C VAL A 165 -34.64 -26.09 12.08
N GLU A 166 -34.45 -26.91 13.16
CA GLU A 166 -33.62 -28.12 13.13
C GLU A 166 -34.08 -29.04 12.02
N LYS A 167 -35.42 -29.26 11.90
CA LYS A 167 -36.02 -30.12 10.87
C LYS A 167 -35.67 -29.69 9.47
N LEU A 168 -35.52 -28.36 9.23
CA LEU A 168 -35.17 -27.84 7.91
C LEU A 168 -33.66 -27.88 7.62
N GLN A 169 -32.83 -27.67 8.66
CA GLN A 169 -31.37 -27.70 8.54
C GLN A 169 -30.83 -29.12 8.37
N GLU A 170 -31.45 -30.11 9.07
CA GLU A 170 -31.05 -31.51 9.08
C GLU A 170 -30.83 -32.11 7.66
N PRO A 171 -31.78 -32.07 6.67
CA PRO A 171 -31.48 -32.64 5.35
C PRO A 171 -30.33 -31.98 4.61
N LEU A 172 -30.10 -30.67 4.85
CA LEU A 172 -28.99 -29.93 4.23
C LEU A 172 -27.66 -30.40 4.79
N LEU A 173 -27.61 -30.65 6.12
CA LEU A 173 -26.40 -31.18 6.76
C LEU A 173 -26.08 -32.58 6.25
N ASP A 174 -27.11 -33.43 6.07
CA ASP A 174 -26.96 -34.80 5.57
C ASP A 174 -26.35 -34.81 4.16
N VAL A 175 -26.85 -33.94 3.26
CA VAL A 175 -26.35 -33.79 1.87
C VAL A 175 -24.90 -33.30 1.89
N LEU A 176 -24.60 -32.29 2.72
CA LEU A 176 -23.26 -31.74 2.82
C LEU A 176 -22.29 -32.79 3.30
N GLN A 177 -22.68 -33.57 4.34
CA GLN A 177 -21.82 -34.64 4.87
C GLN A 177 -21.48 -35.65 3.77
N LYS A 178 -22.49 -36.08 2.98
CA LYS A 178 -22.30 -37.02 1.87
C LYS A 178 -21.34 -36.46 0.83
N LEU A 179 -21.50 -35.18 0.44
CA LEU A 179 -20.63 -34.51 -0.54
C LEU A 179 -19.20 -34.40 -0.06
N CYS A 180 -18.97 -34.11 1.25
CA CYS A 180 -17.63 -34.05 1.84
C CYS A 180 -16.92 -35.41 1.73
N LYS A 181 -17.67 -36.52 1.90
CA LYS A 181 -17.18 -37.90 1.80
C LYS A 181 -16.85 -38.29 0.36
N ILE A 182 -17.56 -37.67 -0.62
CA ILE A 182 -17.38 -37.92 -2.06
C ILE A 182 -16.24 -37.07 -2.64
N HIS A 183 -16.27 -35.74 -2.38
CA HIS A 183 -15.24 -34.78 -2.85
C HIS A 183 -13.87 -35.04 -2.21
N GLN A 184 -13.85 -35.36 -0.90
CA GLN A 184 -12.62 -35.61 -0.14
C GLN A 184 -12.65 -36.94 0.63
N PRO A 185 -12.61 -38.11 -0.04
CA PRO A 185 -12.61 -39.39 0.70
C PRO A 185 -11.36 -39.58 1.58
N GLU A 186 -10.22 -39.01 1.16
CA GLU A 186 -8.93 -39.06 1.84
C GLU A 186 -8.93 -38.30 3.18
N ASN A 187 -9.77 -37.24 3.30
CA ASN A 187 -9.87 -36.40 4.49
C ASN A 187 -11.22 -36.57 5.22
N PRO A 188 -11.30 -37.51 6.19
CA PRO A 188 -12.57 -37.71 6.92
C PRO A 188 -12.95 -36.55 7.85
N GLN A 189 -12.02 -35.59 8.06
CA GLN A 189 -12.22 -34.42 8.91
C GLN A 189 -12.84 -33.26 8.14
N HIS A 190 -12.98 -33.40 6.81
CA HIS A 190 -13.47 -32.32 5.95
C HIS A 190 -14.79 -31.69 6.42
N PHE A 191 -15.82 -32.52 6.69
CA PHE A 191 -17.12 -32.08 7.13
C PHE A 191 -17.06 -31.33 8.46
N ALA A 192 -16.41 -31.93 9.47
CA ALA A 192 -16.25 -31.32 10.80
C ALA A 192 -15.51 -30.00 10.69
N CYS A 193 -14.52 -29.90 9.77
CA CYS A 193 -13.77 -28.67 9.56
CA CYS A 193 -13.78 -28.66 9.58
C CYS A 193 -14.68 -27.56 9.03
N LEU A 194 -15.61 -27.90 8.08
CA LEU A 194 -16.56 -26.95 7.52
C LEU A 194 -17.44 -26.40 8.65
N LEU A 195 -17.96 -27.30 9.50
CA LEU A 195 -18.82 -26.93 10.63
C LEU A 195 -18.06 -26.02 11.61
N GLY A 196 -16.79 -26.29 11.84
CA GLY A 196 -15.95 -25.51 12.74
C GLY A 196 -15.69 -24.11 12.24
N ARG A 197 -15.50 -23.97 10.94
CA ARG A 197 -15.31 -22.65 10.34
C ARG A 197 -16.54 -21.75 10.50
N LEU A 198 -17.74 -22.38 10.66
CA LEU A 198 -18.98 -21.65 10.91
C LEU A 198 -18.96 -20.98 12.28
N THR A 199 -18.28 -21.60 13.28
CA THR A 199 -18.17 -20.99 14.61
C THR A 199 -17.16 -19.85 14.53
N GLU A 200 -16.10 -20.03 13.71
CA GLU A 200 -15.06 -18.99 13.49
CA GLU A 200 -15.12 -18.97 13.57
C GLU A 200 -15.71 -17.77 12.81
N LEU A 201 -16.71 -18.02 11.93
CA LEU A 201 -17.46 -17.01 11.17
C LEU A 201 -18.31 -16.17 12.15
N ARG A 202 -18.97 -16.82 13.12
CA ARG A 202 -19.77 -16.14 14.16
C ARG A 202 -18.93 -15.17 14.97
N THR A 203 -17.77 -15.64 15.45
CA THR A 203 -16.83 -14.85 16.26
C THR A 203 -16.29 -13.68 15.45
N PHE A 204 -15.84 -13.95 14.20
CA PHE A 204 -15.35 -12.91 13.31
C PHE A 204 -16.43 -11.83 13.06
N ASN A 205 -17.70 -12.24 13.01
CA ASN A 205 -18.81 -11.32 12.74
C ASN A 205 -19.17 -10.34 13.86
N HIS A 206 -18.66 -10.53 15.11
CA HIS A 206 -18.94 -9.67 16.27
C HIS A 206 -18.69 -8.16 16.07
N HIS A 207 -17.77 -7.79 15.17
CA HIS A 207 -17.43 -6.38 14.94
C HIS A 207 -17.89 -5.82 13.58
N HIS A 208 -18.92 -6.45 12.94
CA HIS A 208 -19.38 -6.02 11.61
C HIS A 208 -19.77 -4.50 11.54
N ALA A 209 -20.52 -4.02 12.55
CA ALA A 209 -20.96 -2.63 12.67
C ALA A 209 -19.77 -1.66 12.69
N GLU A 210 -18.75 -1.99 13.52
CA GLU A 210 -17.50 -1.23 13.66
C GLU A 210 -16.67 -1.28 12.40
N MET A 211 -16.66 -2.42 11.67
CA MET A 211 -15.88 -2.50 10.43
C MET A 211 -16.39 -1.45 9.47
N LEU A 212 -17.69 -1.14 9.55
CA LEU A 212 -18.26 -0.13 8.69
C LEU A 212 -18.00 1.27 9.23
N MET A 213 -18.26 1.47 10.53
CA MET A 213 -18.11 2.79 11.15
C MET A 213 -16.68 3.29 11.22
N SER A 214 -15.70 2.37 11.25
CA SER A 214 -14.29 2.77 11.33
C SER A 214 -13.63 2.92 9.96
N TRP A 215 -14.43 2.82 8.87
CA TRP A 215 -13.94 3.01 7.51
C TRP A 215 -13.38 4.44 7.44
N ARG A 216 -12.19 4.59 6.85
CA ARG A 216 -11.48 5.87 6.78
C ARG A 216 -12.11 6.89 5.82
N VAL A 217 -13.34 7.32 6.15
CA VAL A 217 -14.13 8.32 5.43
C VAL A 217 -14.65 9.34 6.47
N ASN A 218 -14.90 10.58 6.05
CA ASN A 218 -15.40 11.65 6.93
C ASN A 218 -16.87 11.45 7.34
N ASP A 219 -17.66 10.77 6.48
CA ASP A 219 -19.09 10.54 6.69
C ASP A 219 -19.48 9.11 6.30
N HIS A 220 -20.31 8.47 7.14
CA HIS A 220 -20.75 7.09 6.94
C HIS A 220 -22.23 7.00 6.61
N LYS A 221 -22.56 7.10 5.32
CA LYS A 221 -23.93 7.06 4.81
C LYS A 221 -24.32 5.62 4.45
N PHE A 222 -25.45 5.19 5.01
CA PHE A 222 -26.00 3.85 4.84
C PHE A 222 -27.43 3.89 4.32
N THR A 223 -27.79 2.89 3.52
CA THR A 223 -29.16 2.75 2.97
C THR A 223 -30.06 2.26 4.10
N PRO A 224 -31.36 2.62 4.15
CA PRO A 224 -32.21 2.13 5.25
C PRO A 224 -32.21 0.60 5.46
N LEU A 225 -32.05 -0.21 4.38
CA LEU A 225 -32.00 -1.68 4.50
C LEU A 225 -30.72 -2.11 5.22
N LEU A 226 -29.58 -1.48 4.89
CA LEU A 226 -28.28 -1.76 5.53
C LEU A 226 -28.30 -1.45 7.01
N CYS A 227 -28.95 -0.34 7.39
CA CYS A 227 -29.08 0.07 8.79
C CYS A 227 -29.78 -1.02 9.58
N GLU A 228 -30.84 -1.64 9.01
CA GLU A 228 -31.60 -2.72 9.65
C GLU A 228 -30.77 -4.00 9.82
N ILE A 229 -29.96 -4.30 8.82
CA ILE A 229 -29.17 -5.52 8.78
C ILE A 229 -27.84 -5.44 9.53
N TRP A 230 -27.09 -4.35 9.36
CA TRP A 230 -25.75 -4.22 9.93
C TRP A 230 -25.72 -3.54 11.28
N ASP A 231 -26.87 -3.05 11.76
CA ASP A 231 -27.01 -2.36 13.06
C ASP A 231 -26.17 -1.10 13.12
N VAL A 232 -26.35 -0.26 12.09
CA VAL A 232 -25.70 1.03 11.93
C VAL A 232 -26.80 2.07 11.76
N GLN A 233 -26.48 3.37 11.97
CA GLN A 233 -27.45 4.47 11.92
C GLN A 233 -27.11 5.43 10.78
N ASP B 2 -36.83 -2.71 14.55
CA ASP B 2 -38.19 -2.92 14.06
C ASP B 2 -38.20 -3.83 12.83
N HIS B 3 -37.07 -3.91 12.07
CA HIS B 3 -36.88 -4.70 10.84
C HIS B 3 -38.02 -4.55 9.83
N GLN B 4 -38.53 -3.31 9.68
CA GLN B 4 -39.65 -3.00 8.77
C GLN B 4 -39.40 -3.41 7.31
N LEU B 5 -38.20 -3.08 6.78
CA LEU B 5 -37.85 -3.38 5.39
C LEU B 5 -37.62 -4.87 5.20
N LEU B 6 -37.00 -5.54 6.20
CA LEU B 6 -36.78 -6.98 6.16
C LEU B 6 -38.13 -7.70 6.11
N ARG B 7 -39.08 -7.28 7.00
CA ARG B 7 -40.44 -7.82 7.10
C ARG B 7 -41.18 -7.63 5.78
N TYR B 8 -41.02 -6.47 5.16
CA TYR B 8 -41.62 -6.20 3.88
C TYR B 8 -41.11 -7.15 2.77
N LEU B 9 -39.77 -7.31 2.67
CA LEU B 9 -39.15 -8.19 1.68
C LEU B 9 -39.55 -9.66 1.87
N LEU B 10 -39.72 -10.09 3.12
CA LEU B 10 -40.13 -11.45 3.45
C LEU B 10 -41.60 -11.73 3.15
N ASP B 11 -42.49 -10.75 3.40
CA ASP B 11 -43.93 -10.92 3.25
C ASP B 11 -44.49 -10.65 1.84
N LYS B 12 -43.72 -10.00 0.94
CA LYS B 12 -44.16 -9.71 -0.43
C LYS B 12 -44.21 -10.98 -1.32
N ASP B 13 -44.85 -10.86 -2.51
CA ASP B 13 -45.07 -11.89 -3.54
C ASP B 13 -46.15 -12.91 -3.15
N MET C 4 0.96 2.50 7.31
CA MET C 4 -0.35 3.09 7.59
C MET C 4 -0.36 4.63 7.41
N GLU C 5 -1.42 5.32 7.89
CA GLU C 5 -1.56 6.78 7.77
C GLU C 5 -0.53 7.56 8.59
N LEU C 6 -0.10 8.73 8.08
CA LEU C 6 0.81 9.62 8.81
C LEU C 6 0.04 10.19 9.99
N THR C 7 0.71 10.41 11.11
CA THR C 7 0.08 11.03 12.29
C THR C 7 0.11 12.56 12.06
N PRO C 8 -0.67 13.37 12.83
CA PRO C 8 -0.57 14.84 12.67
C PRO C 8 0.88 15.35 12.84
N ASP C 9 1.64 14.78 13.81
CA ASP C 9 3.04 15.16 14.05
C ASP C 9 3.94 14.83 12.84
N GLN C 10 3.68 13.69 12.18
CA GLN C 10 4.43 13.28 10.98
C GLN C 10 4.10 14.20 9.82
N GLN C 11 2.83 14.63 9.69
CA GLN C 11 2.43 15.57 8.63
C GLN C 11 3.16 16.91 8.81
N THR C 12 3.31 17.36 10.07
CA THR C 12 4.02 18.58 10.45
C THR C 12 5.50 18.45 10.08
N LEU C 13 6.13 17.30 10.42
CA LEU C 13 7.53 17.01 10.10
C LEU C 13 7.71 17.06 8.58
N LEU C 14 6.83 16.37 7.83
CA LEU C 14 6.85 16.32 6.37
C LEU C 14 6.77 17.72 5.73
N HIS C 15 5.77 18.57 6.10
CA HIS C 15 5.66 19.90 5.52
C HIS C 15 6.85 20.79 5.83
N PHE C 16 7.42 20.63 7.03
CA PHE C 16 8.63 21.36 7.46
C PHE C 16 9.84 20.98 6.58
N ILE C 17 10.04 19.67 6.33
CA ILE C 17 11.14 19.17 5.48
C ILE C 17 10.93 19.70 4.04
N MET C 18 9.68 19.67 3.53
CA MET C 18 9.33 20.16 2.19
C MET C 18 9.64 21.63 2.01
N ASP C 19 9.21 22.47 2.97
CA ASP C 19 9.45 23.92 2.95
C ASP C 19 10.95 24.21 2.90
N SER C 20 11.75 23.42 3.67
CA SER C 20 13.21 23.56 3.71
CA SER C 20 13.21 23.55 3.71
C SER C 20 13.83 23.12 2.37
N TYR C 21 13.39 21.96 1.86
CA TYR C 21 13.88 21.38 0.59
C TYR C 21 13.59 22.27 -0.61
N ASN C 22 12.44 22.98 -0.60
CA ASN C 22 12.00 23.82 -1.71
C ASN C 22 12.77 25.16 -1.86
N LYS C 23 13.77 25.43 -0.98
CA LYS C 23 14.60 26.64 -1.08
C LYS C 23 15.70 26.47 -2.17
N GLN C 24 15.70 25.33 -2.85
CA GLN C 24 16.63 24.95 -3.91
C GLN C 24 16.30 25.60 -5.23
N ARG C 25 17.27 25.57 -6.18
CA ARG C 25 17.04 26.04 -7.54
C ARG C 25 16.05 25.06 -8.17
N MET C 26 15.10 25.59 -8.94
CA MET C 26 14.09 24.78 -9.62
C MET C 26 14.78 23.94 -10.69
N PRO C 27 14.37 22.66 -10.92
CA PRO C 27 14.99 21.87 -12.00
C PRO C 27 14.94 22.57 -13.35
N GLN C 28 13.84 23.30 -13.65
CA GLN C 28 13.70 24.05 -14.90
C GLN C 28 14.85 25.06 -15.11
N GLU C 29 15.32 25.71 -14.03
CA GLU C 29 16.43 26.67 -14.07
C GLU C 29 17.71 26.00 -14.56
N ILE C 30 18.00 24.78 -14.08
CA ILE C 30 19.17 24.00 -14.49
C ILE C 30 19.03 23.45 -15.91
N THR C 31 17.91 22.78 -16.23
CA THR C 31 17.72 22.18 -17.56
C THR C 31 17.58 23.23 -18.66
N ASN C 32 16.98 24.40 -18.36
CA ASN C 32 16.85 25.49 -19.36
C ASN C 32 18.22 26.00 -19.81
N LYS C 33 19.16 26.13 -18.86
CA LYS C 33 20.54 26.57 -19.06
C LYS C 33 21.30 25.63 -20.01
N ILE C 34 21.17 24.31 -19.78
CA ILE C 34 21.83 23.27 -20.57
C ILE C 34 21.18 23.09 -21.96
N LEU C 35 19.84 23.26 -22.04
CA LEU C 35 19.13 23.09 -23.31
C LEU C 35 19.24 24.30 -24.22
N LYS C 36 19.41 25.50 -23.64
CA LYS C 36 19.48 26.77 -24.39
C LYS C 36 20.51 26.77 -25.51
N GLU C 37 21.74 26.39 -25.18
CA GLU C 37 22.86 26.40 -26.14
C GLU C 37 23.92 25.39 -25.71
N ALA C 38 24.75 24.97 -26.67
CA ALA C 38 25.85 24.05 -26.40
C ALA C 38 27.05 24.86 -25.93
N PHE C 39 27.80 24.34 -24.96
CA PHE C 39 28.98 24.99 -24.42
C PHE C 39 30.20 24.11 -24.63
N SER C 40 31.41 24.69 -24.57
CA SER C 40 32.66 23.93 -24.67
C SER C 40 32.85 23.15 -23.36
N ALA C 41 33.82 22.21 -23.34
CA ALA C 41 34.15 21.42 -22.15
C ALA C 41 34.62 22.37 -21.04
N GLU C 42 35.39 23.41 -21.42
CA GLU C 42 35.93 24.44 -20.52
C GLU C 42 34.80 25.26 -19.86
N GLU C 43 33.81 25.70 -20.66
CA GLU C 43 32.66 26.46 -20.18
C GLU C 43 31.81 25.58 -19.26
N ASN C 44 31.58 24.30 -19.65
CA ASN C 44 30.78 23.35 -18.86
C ASN C 44 31.41 22.99 -17.52
N PHE C 45 32.77 22.96 -17.45
CA PHE C 45 33.45 22.67 -16.18
C PHE C 45 33.19 23.81 -15.20
N LEU C 46 33.16 25.06 -15.70
CA LEU C 46 32.86 26.24 -14.90
C LEU C 46 31.41 26.31 -14.47
N ILE C 47 30.48 25.87 -15.34
CA ILE C 47 29.04 25.80 -15.05
C ILE C 47 28.87 24.75 -13.93
N LEU C 48 29.53 23.59 -14.07
CA LEU C 48 29.50 22.54 -13.05
C LEU C 48 29.99 23.05 -11.68
N THR C 49 31.19 23.66 -11.61
CA THR C 49 31.75 24.17 -10.34
C THR C 49 30.84 25.23 -9.69
N GLU C 50 30.21 26.12 -10.50
CA GLU C 50 29.25 27.13 -10.02
C GLU C 50 28.03 26.43 -9.40
N MET C 51 27.42 25.51 -10.16
CA MET C 51 26.24 24.76 -9.74
C MET C 51 26.52 23.91 -8.50
N ALA C 52 27.71 23.28 -8.43
CA ALA C 52 28.13 22.44 -7.30
C ALA C 52 28.33 23.32 -6.05
N THR C 53 28.89 24.54 -6.21
CA THR C 53 29.09 25.48 -5.10
C THR C 53 27.74 25.92 -4.53
N ASN C 54 26.79 26.26 -5.41
CA ASN C 54 25.46 26.65 -4.95
C ASN C 54 24.78 25.46 -4.29
N HIS C 55 24.90 24.26 -4.87
CA HIS C 55 24.31 23.06 -4.28
C HIS C 55 24.78 22.83 -2.83
N VAL C 56 26.11 22.92 -2.57
CA VAL C 56 26.65 22.74 -1.20
C VAL C 56 26.14 23.81 -0.24
N GLN C 57 26.10 25.07 -0.67
CA GLN C 57 25.61 26.17 0.17
C GLN C 57 24.16 25.96 0.59
N VAL C 58 23.32 25.55 -0.36
CA VAL C 58 21.90 25.26 -0.15
C VAL C 58 21.75 24.00 0.75
N LEU C 59 22.62 22.99 0.53
CA LEU C 59 22.61 21.76 1.30
C LEU C 59 22.90 22.02 2.78
N VAL C 60 23.87 22.90 3.07
CA VAL C 60 24.22 23.27 4.45
C VAL C 60 23.01 23.90 5.15
N GLU C 61 22.29 24.80 4.45
CA GLU C 61 21.09 25.45 4.99
C GLU C 61 19.98 24.43 5.28
N PHE C 62 19.82 23.44 4.38
CA PHE C 62 18.82 22.39 4.53
C PHE C 62 19.16 21.51 5.74
N THR C 63 20.44 21.11 5.86
CA THR C 63 20.97 20.27 6.93
C THR C 63 20.78 20.91 8.32
N LYS C 64 21.05 22.21 8.42
CA LYS C 64 20.91 22.99 9.67
C LYS C 64 19.47 22.99 10.18
N LYS C 65 18.49 22.84 9.27
CA LYS C 65 17.07 22.83 9.60
C LYS C 65 16.58 21.43 9.96
N LEU C 66 17.38 20.37 9.68
CA LEU C 66 16.95 19.01 10.01
C LEU C 66 16.77 18.89 11.53
N PRO C 67 15.59 18.45 12.01
CA PRO C 67 15.38 18.38 13.47
C PRO C 67 16.47 17.61 14.23
N GLY C 68 17.01 18.26 15.25
CA GLY C 68 18.08 17.74 16.09
C GLY C 68 19.50 17.89 15.56
N PHE C 69 19.68 18.24 14.26
CA PHE C 69 21.04 18.34 13.70
C PHE C 69 21.97 19.26 14.51
N GLN C 70 21.47 20.41 14.93
CA GLN C 70 22.28 21.39 15.65
C GLN C 70 22.56 20.99 17.12
N THR C 71 21.96 19.87 17.59
CA THR C 71 22.23 19.33 18.94
C THR C 71 23.42 18.36 18.86
N LEU C 72 23.80 17.95 17.64
CA LEU C 72 24.89 17.01 17.45
C LEU C 72 26.26 17.62 17.74
N ASP C 73 27.22 16.76 18.11
CA ASP C 73 28.63 17.10 18.30
C ASP C 73 29.10 17.85 17.03
N HIS C 74 29.84 18.97 17.21
CA HIS C 74 30.30 19.81 16.09
C HIS C 74 31.19 19.07 15.09
N GLU C 75 32.04 18.14 15.56
CA GLU C 75 32.89 17.35 14.65
C GLU C 75 32.05 16.36 13.83
N ASP C 76 31.02 15.78 14.48
CA ASP C 76 30.10 14.84 13.82
C ASP C 76 29.27 15.57 12.75
N GLN C 77 28.90 16.84 13.02
CA GLN C 77 28.16 17.70 12.08
C GLN C 77 28.94 17.90 10.80
N ILE C 78 30.27 18.16 10.92
CA ILE C 78 31.20 18.32 9.81
C ILE C 78 31.28 17.00 9.04
N ALA C 79 31.47 15.88 9.78
CA ALA C 79 31.57 14.54 9.21
C ALA C 79 30.33 14.16 8.41
N LEU C 80 29.12 14.55 8.89
CA LEU C 80 27.87 14.26 8.20
C LEU C 80 27.74 15.05 6.89
N LEU C 81 28.07 16.35 6.93
CA LEU C 81 28.00 17.21 5.75
C LEU C 81 29.03 16.83 4.69
N LYS C 82 30.31 16.66 5.09
CA LYS C 82 31.37 16.20 4.19
C LYS C 82 31.05 14.83 3.59
N GLY C 83 30.50 13.93 4.41
CA GLY C 83 30.17 12.58 3.98
C GLY C 83 29.00 12.46 3.02
N SER C 84 28.06 13.43 3.03
CA SER C 84 26.87 13.34 2.20
C SER C 84 26.77 14.31 1.01
N ALA C 85 27.60 15.36 0.98
CA ALA C 85 27.50 16.41 -0.05
C ALA C 85 27.45 15.91 -1.50
N VAL C 86 28.35 14.99 -1.88
CA VAL C 86 28.39 14.45 -3.25
C VAL C 86 27.20 13.56 -3.56
N GLU C 87 26.85 12.63 -2.64
CA GLU C 87 25.70 11.76 -2.79
C GLU C 87 24.44 12.59 -2.97
N ALA C 88 24.29 13.68 -2.16
CA ALA C 88 23.14 14.58 -2.25
C ALA C 88 23.05 15.26 -3.61
N MET C 89 24.20 15.70 -4.18
CA MET C 89 24.20 16.34 -5.49
CA MET C 89 24.23 16.33 -5.50
C MET C 89 23.77 15.33 -6.57
N PHE C 90 24.22 14.07 -6.47
CA PHE C 90 23.82 13.05 -7.44
C PHE C 90 22.37 12.66 -7.31
N LEU C 91 21.83 12.65 -6.08
CA LEU C 91 20.42 12.37 -5.88
C LEU C 91 19.57 13.51 -6.47
N ARG C 92 19.97 14.78 -6.25
CA ARG C 92 19.27 15.93 -6.82
C ARG C 92 19.37 15.91 -8.36
N SER C 93 20.52 15.48 -8.90
CA SER C 93 20.75 15.37 -10.36
C SER C 93 19.74 14.36 -10.95
N ALA C 94 19.49 13.22 -10.25
CA ALA C 94 18.51 12.21 -10.65
C ALA C 94 17.11 12.83 -10.65
N GLU C 95 16.80 13.60 -9.60
CA GLU C 95 15.51 14.29 -9.51
C GLU C 95 15.29 15.25 -10.68
N ILE C 96 16.31 16.09 -10.97
CA ILE C 96 16.27 17.07 -12.05
C ILE C 96 16.07 16.36 -13.39
N PHE C 97 16.85 15.31 -13.65
CA PHE C 97 16.77 14.56 -14.91
C PHE C 97 15.41 13.91 -15.16
N ASN C 98 14.74 13.46 -14.07
CA ASN C 98 13.45 12.78 -14.16
C ASN C 98 12.22 13.70 -14.18
N LYS C 99 12.42 15.03 -14.07
CA LYS C 99 11.32 15.99 -14.20
C LYS C 99 10.88 15.99 -15.67
N LYS C 100 9.57 15.80 -15.93
CA LYS C 100 9.05 15.70 -17.30
C LYS C 100 9.27 16.98 -18.10
N LEU C 101 9.74 16.84 -19.35
CA LEU C 101 10.01 17.93 -20.27
C LEU C 101 9.27 17.67 -21.60
N PRO C 102 9.09 18.68 -22.49
CA PRO C 102 8.44 18.42 -23.78
C PRO C 102 9.22 17.37 -24.61
N SER C 103 8.53 16.71 -25.55
CA SER C 103 9.10 15.67 -26.43
C SER C 103 10.47 16.07 -27.01
N GLY C 104 11.44 15.16 -26.91
CA GLY C 104 12.80 15.34 -27.40
C GLY C 104 13.77 16.08 -26.50
N HIS C 105 13.27 16.89 -25.55
CA HIS C 105 14.08 17.70 -24.62
C HIS C 105 14.99 16.89 -23.70
N SER C 106 14.46 15.83 -23.07
CA SER C 106 15.26 14.97 -22.20
C SER C 106 16.38 14.28 -22.96
N ASP C 107 16.12 13.86 -24.22
CA ASP C 107 17.14 13.24 -25.08
C ASP C 107 18.24 14.25 -25.42
N LEU C 108 17.86 15.53 -25.70
CA LEU C 108 18.83 16.58 -25.99
C LEU C 108 19.67 16.88 -24.76
N LEU C 109 19.00 16.98 -23.59
CA LEU C 109 19.64 17.24 -22.30
C LEU C 109 20.70 16.18 -22.00
N GLU C 110 20.35 14.90 -22.20
CA GLU C 110 21.26 13.78 -21.97
C GLU C 110 22.47 13.87 -22.87
N ALA C 111 22.25 14.12 -24.18
CA ALA C 111 23.30 14.23 -25.17
C ALA C 111 24.27 15.40 -24.87
N ARG C 112 23.73 16.55 -24.41
CA ARG C 112 24.55 17.71 -24.02
C ARG C 112 25.47 17.34 -22.83
N ILE C 113 24.90 16.72 -21.78
CA ILE C 113 25.62 16.28 -20.58
C ILE C 113 26.69 15.23 -20.92
N ARG C 114 26.37 14.28 -21.81
CA ARG C 114 27.35 13.26 -22.20
C ARG C 114 28.55 13.86 -22.92
N ASN C 115 28.36 15.01 -23.60
CA ASN C 115 29.39 15.72 -24.33
C ASN C 115 29.92 16.97 -23.58
N SER C 116 29.65 17.05 -22.26
CA SER C 116 30.06 18.19 -21.44
C SER C 116 31.55 18.26 -21.11
N GLY C 117 32.28 17.15 -21.28
CA GLY C 117 33.70 17.05 -20.98
C GLY C 117 34.01 15.93 -20.00
N ILE C 118 32.96 15.41 -19.32
CA ILE C 118 33.03 14.28 -18.38
C ILE C 118 33.42 13.01 -19.16
N SER C 119 34.18 12.09 -18.55
CA SER C 119 34.55 10.84 -19.23
C SER C 119 33.32 9.93 -19.35
N ASP C 120 33.24 9.15 -20.46
CA ASP C 120 32.12 8.23 -20.70
C ASP C 120 31.99 7.20 -19.56
N GLU C 121 33.13 6.71 -19.02
CA GLU C 121 33.11 5.68 -17.97
C GLU C 121 32.41 6.14 -16.67
N TYR C 122 32.21 7.45 -16.48
CA TYR C 122 31.52 7.99 -15.30
C TYR C 122 30.12 8.43 -15.62
N ILE C 123 29.92 9.13 -16.73
CA ILE C 123 28.61 9.64 -17.13
C ILE C 123 27.63 8.52 -17.49
N THR C 124 28.11 7.40 -18.08
CA THR C 124 27.24 6.27 -18.43
C THR C 124 26.59 5.65 -17.17
N PRO C 125 27.35 5.24 -16.11
CA PRO C 125 26.68 4.73 -14.89
C PRO C 125 25.79 5.78 -14.23
N MET C 126 26.15 7.07 -14.32
CA MET C 126 25.34 8.15 -13.78
C MET C 126 23.96 8.17 -14.43
N PHE C 127 23.89 8.10 -15.78
CA PHE C 127 22.60 8.08 -16.47
C PHE C 127 21.81 6.79 -16.24
N SER C 128 22.52 5.64 -16.05
CA SER C 128 21.89 4.36 -15.75
C SER C 128 21.20 4.48 -14.39
N PHE C 129 21.86 5.13 -13.40
CA PHE C 129 21.29 5.40 -12.08
C PHE C 129 20.07 6.32 -12.18
N TYR C 130 20.18 7.48 -12.91
CA TYR C 130 19.07 8.43 -13.09
C TYR C 130 17.85 7.75 -13.69
N LYS C 131 18.06 6.90 -14.72
CA LYS C 131 16.94 6.22 -15.38
C LYS C 131 16.33 5.12 -14.50
N SER C 132 17.16 4.35 -13.78
CA SER C 132 16.67 3.27 -12.90
C SER C 132 15.90 3.85 -11.73
N ILE C 133 16.41 4.93 -11.12
CA ILE C 133 15.72 5.58 -10.00
C ILE C 133 14.45 6.31 -10.50
N GLY C 134 14.47 6.82 -11.76
CA GLY C 134 13.33 7.46 -12.38
C GLY C 134 12.14 6.52 -12.54
N GLU C 135 12.40 5.22 -12.78
CA GLU C 135 11.38 4.19 -12.93
C GLU C 135 10.57 3.97 -11.63
N LEU C 136 11.13 4.38 -10.46
CA LEU C 136 10.46 4.31 -9.16
C LEU C 136 9.34 5.33 -9.03
N LYS C 137 9.36 6.37 -9.89
CA LYS C 137 8.38 7.47 -9.96
C LYS C 137 8.23 8.13 -8.60
N MET C 138 9.39 8.52 -8.01
CA MET C 138 9.43 9.18 -6.71
C MET C 138 8.75 10.54 -6.74
N THR C 139 8.02 10.85 -5.65
CA THR C 139 7.37 12.15 -5.49
C THR C 139 8.43 13.11 -4.92
N GLN C 140 8.17 14.42 -4.97
CA GLN C 140 9.09 15.41 -4.39
C GLN C 140 9.31 15.18 -2.86
N GLU C 141 8.28 14.65 -2.14
CA GLU C 141 8.37 14.33 -0.70
C GLU C 141 9.35 13.19 -0.47
N GLU C 142 9.36 12.21 -1.39
CA GLU C 142 10.28 11.08 -1.31
C GLU C 142 11.72 11.54 -1.54
N TYR C 143 11.94 12.45 -2.51
CA TYR C 143 13.28 12.98 -2.74
C TYR C 143 13.78 13.77 -1.52
N ALA C 144 12.91 14.62 -0.94
CA ALA C 144 13.25 15.44 0.22
C ALA C 144 13.62 14.58 1.41
N LEU C 145 12.78 13.59 1.73
CA LEU C 145 13.05 12.68 2.84
C LEU C 145 14.28 11.84 2.58
N LEU C 146 14.42 11.33 1.36
CA LEU C 146 15.60 10.52 1.06
C LEU C 146 16.91 11.33 1.20
N THR C 147 16.89 12.62 0.79
CA THR C 147 18.06 13.50 0.93
C THR C 147 18.39 13.67 2.42
N ALA C 148 17.38 13.93 3.26
CA ALA C 148 17.53 14.07 4.71
C ALA C 148 18.12 12.76 5.33
N ILE C 149 17.65 11.60 4.83
CA ILE C 149 18.09 10.28 5.30
C ILE C 149 19.58 10.04 4.92
N VAL C 150 19.99 10.46 3.71
CA VAL C 150 21.39 10.39 3.22
C VAL C 150 22.30 11.23 4.15
N ILE C 151 21.88 12.48 4.47
CA ILE C 151 22.65 13.39 5.32
C ILE C 151 22.80 12.81 6.71
N LEU C 152 21.69 12.33 7.28
CA LEU C 152 21.73 11.77 8.62
C LEU C 152 22.10 10.27 8.63
N SER C 153 23.18 9.90 7.90
CA SER C 153 23.68 8.52 7.86
C SER C 153 24.58 8.24 9.06
N PRO C 154 24.15 7.31 9.95
CA PRO C 154 24.94 7.04 11.16
C PRO C 154 26.25 6.31 10.92
N ASP C 155 26.32 5.58 9.78
CA ASP C 155 27.47 4.77 9.43
C ASP C 155 28.57 5.53 8.68
N ARG C 156 28.57 6.88 8.70
CA ARG C 156 29.63 7.65 8.01
C ARG C 156 30.96 7.49 8.74
N GLN C 157 32.07 7.55 7.99
CA GLN C 157 33.40 7.48 8.56
C GLN C 157 33.67 8.72 9.41
N TYR C 158 34.27 8.50 10.59
CA TYR C 158 34.72 9.47 11.60
C TYR C 158 33.61 9.91 12.58
N ILE C 159 32.36 9.41 12.42
CA ILE C 159 31.26 9.69 13.35
C ILE C 159 31.58 9.04 14.71
N LYS C 160 31.58 9.85 15.78
CA LYS C 160 31.89 9.40 17.14
C LYS C 160 30.66 8.81 17.84
N ASP C 161 29.52 9.52 17.76
CA ASP C 161 28.27 9.10 18.40
C ASP C 161 27.25 8.69 17.34
N ARG C 162 27.28 7.40 16.94
CA ARG C 162 26.39 6.84 15.93
C ARG C 162 24.93 6.83 16.35
N GLU C 163 24.65 6.42 17.60
CA GLU C 163 23.31 6.33 18.17
C GLU C 163 22.58 7.67 18.13
N ALA C 164 23.31 8.79 18.39
CA ALA C 164 22.74 10.14 18.33
C ALA C 164 22.25 10.46 16.90
N VAL C 165 22.98 9.98 15.87
CA VAL C 165 22.60 10.18 14.47
C VAL C 165 21.41 9.25 14.12
N GLU C 166 21.46 7.97 14.58
CA GLU C 166 20.38 6.99 14.37
C GLU C 166 19.05 7.54 14.85
N LYS C 167 19.05 8.15 16.07
CA LYS C 167 17.85 8.74 16.69
C LYS C 167 17.22 9.81 15.82
N LEU C 168 18.04 10.59 15.08
CA LEU C 168 17.54 11.64 14.20
C LEU C 168 17.05 11.11 12.84
N GLN C 169 17.72 10.09 12.31
CA GLN C 169 17.37 9.47 11.03
C GLN C 169 16.09 8.63 11.13
N GLU C 170 15.90 7.92 12.27
CA GLU C 170 14.77 7.02 12.53
C GLU C 170 13.37 7.63 12.22
N PRO C 171 12.95 8.82 12.75
CA PRO C 171 11.63 9.35 12.38
C PRO C 171 11.45 9.67 10.90
N LEU C 172 12.54 10.04 10.20
CA LEU C 172 12.50 10.35 8.78
C LEU C 172 12.30 9.06 7.97
N LEU C 173 12.93 7.95 8.39
CA LEU C 173 12.73 6.65 7.75
C LEU C 173 11.29 6.16 7.95
N ASP C 174 10.71 6.37 9.15
CA ASP C 174 9.33 5.99 9.46
C ASP C 174 8.32 6.71 8.53
N VAL C 175 8.50 8.03 8.34
CA VAL C 175 7.66 8.86 7.46
C VAL C 175 7.81 8.38 5.98
N LEU C 176 9.05 8.15 5.55
CA LEU C 176 9.31 7.69 4.19
C LEU C 176 8.66 6.35 3.93
N GLN C 177 8.77 5.40 4.88
CA GLN C 177 8.16 4.08 4.74
C GLN C 177 6.63 4.20 4.56
N LYS C 178 5.98 5.06 5.37
CA LYS C 178 4.55 5.30 5.29
C LYS C 178 4.15 5.87 3.92
N LEU C 179 4.92 6.86 3.41
CA LEU C 179 4.66 7.48 2.11
C LEU C 179 4.82 6.50 0.97
N CYS C 180 5.82 5.59 1.03
CA CYS C 180 6.01 4.54 0.02
C CYS C 180 4.80 3.61 -0.06
N LYS C 181 4.19 3.30 1.10
CA LYS C 181 2.99 2.45 1.21
C LYS C 181 1.73 3.16 0.66
N ILE C 182 1.69 4.49 0.76
CA ILE C 182 0.58 5.34 0.31
C ILE C 182 0.66 5.68 -1.19
N HIS C 183 1.79 6.24 -1.64
CA HIS C 183 1.95 6.65 -3.02
C HIS C 183 2.24 5.48 -3.98
N GLN C 184 2.63 4.30 -3.45
CA GLN C 184 2.90 3.09 -4.22
C GLN C 184 2.34 1.81 -3.50
N PRO C 185 1.01 1.64 -3.30
CA PRO C 185 0.50 0.43 -2.61
C PRO C 185 0.69 -0.86 -3.38
N GLU C 186 0.66 -0.78 -4.74
CA GLU C 186 0.85 -1.89 -5.67
C GLU C 186 2.25 -2.50 -5.61
N ASN C 187 3.28 -1.70 -5.25
CA ASN C 187 4.68 -2.12 -5.17
C ASN C 187 5.20 -2.17 -3.72
N PRO C 188 5.08 -3.32 -3.03
CA PRO C 188 5.56 -3.41 -1.64
C PRO C 188 7.08 -3.33 -1.49
N GLN C 189 7.82 -3.42 -2.61
CA GLN C 189 9.29 -3.36 -2.65
C GLN C 189 9.80 -1.93 -2.74
N HIS C 190 8.88 -0.95 -2.94
CA HIS C 190 9.25 0.45 -3.15
C HIS C 190 10.22 1.01 -2.10
N PHE C 191 9.88 0.86 -0.81
CA PHE C 191 10.72 1.36 0.29
C PHE C 191 12.09 0.71 0.33
N ALA C 192 12.13 -0.64 0.27
CA ALA C 192 13.40 -1.38 0.25
C ALA C 192 14.26 -0.96 -0.93
N CYS C 193 13.63 -0.67 -2.09
CA CYS C 193 14.36 -0.21 -3.29
CA CYS C 193 14.37 -0.23 -3.26
C CYS C 193 15.02 1.14 -3.00
N LEU C 194 14.29 2.08 -2.32
CA LEU C 194 14.83 3.40 -1.99
C LEU C 194 16.04 3.25 -1.06
N LEU C 195 15.95 2.36 -0.06
CA LEU C 195 17.06 2.06 0.86
C LEU C 195 18.28 1.50 0.11
N GLY C 196 18.04 0.70 -0.93
CA GLY C 196 19.11 0.16 -1.76
C GLY C 196 19.82 1.25 -2.55
N ARG C 197 19.07 2.34 -2.90
CA ARG C 197 19.60 3.54 -3.61
C ARG C 197 20.65 4.26 -2.75
N LEU C 198 20.48 4.24 -1.42
CA LEU C 198 21.44 4.82 -0.48
C LEU C 198 22.82 4.19 -0.64
N THR C 199 22.86 2.85 -0.70
CA THR C 199 24.10 2.09 -0.87
C THR C 199 24.70 2.38 -2.23
N GLU C 200 23.85 2.44 -3.24
CA GLU C 200 24.20 2.72 -4.62
C GLU C 200 24.81 4.11 -4.78
N LEU C 201 24.28 5.12 -4.04
CA LEU C 201 24.81 6.49 -4.11
C LEU C 201 26.25 6.53 -3.59
N ARG C 202 26.55 5.71 -2.57
CA ARG C 202 27.86 5.63 -1.92
C ARG C 202 28.97 5.30 -2.91
N THR C 203 28.66 4.48 -3.94
CA THR C 203 29.58 4.09 -5.01
C THR C 203 30.09 5.31 -5.78
N PHE C 204 29.23 6.33 -5.96
CA PHE C 204 29.63 7.55 -6.67
C PHE C 204 30.72 8.37 -5.94
N ASN C 205 30.89 8.19 -4.61
CA ASN C 205 31.93 8.91 -3.85
C ASN C 205 33.33 8.40 -4.11
N HIS C 206 33.49 7.06 -4.25
CA HIS C 206 34.77 6.37 -4.45
C HIS C 206 35.64 7.00 -5.54
N HIS C 207 35.06 7.33 -6.70
CA HIS C 207 35.83 7.88 -7.82
C HIS C 207 35.46 9.32 -8.20
N HIS C 208 34.76 10.03 -7.30
CA HIS C 208 34.34 11.42 -7.53
CA HIS C 208 34.32 11.42 -7.53
C HIS C 208 35.49 12.33 -7.91
N ALA C 209 36.62 12.28 -7.16
CA ALA C 209 37.78 13.15 -7.46
C ALA C 209 38.39 12.82 -8.83
N GLU C 210 38.49 11.52 -9.18
CA GLU C 210 39.03 11.05 -10.46
C GLU C 210 38.20 11.55 -11.64
N MET C 211 36.87 11.62 -11.45
CA MET C 211 35.93 12.10 -12.46
C MET C 211 36.08 13.62 -12.73
N LEU C 212 36.15 14.47 -11.67
CA LEU C 212 36.36 15.92 -11.81
C LEU C 212 37.71 16.20 -12.44
N MET C 213 38.78 15.51 -11.97
CA MET C 213 40.14 15.66 -12.47
C MET C 213 40.32 15.19 -13.92
N SER C 214 39.51 14.23 -14.37
CA SER C 214 39.61 13.74 -15.75
C SER C 214 38.66 14.48 -16.72
N TRP C 215 38.02 15.58 -16.26
CA TRP C 215 37.17 16.43 -17.12
C TRP C 215 38.11 16.94 -18.22
N ARG C 216 37.66 16.88 -19.49
CA ARG C 216 38.47 17.25 -20.65
CA ARG C 216 38.43 17.26 -20.68
C ARG C 216 38.75 18.74 -20.77
N VAL C 217 39.51 19.29 -19.80
CA VAL C 217 39.94 20.70 -19.72
C VAL C 217 41.44 20.71 -19.38
N ASN C 218 42.16 21.75 -19.82
CA ASN C 218 43.60 21.89 -19.57
C ASN C 218 43.92 22.25 -18.11
N ASP C 219 42.97 22.91 -17.41
CA ASP C 219 43.13 23.35 -16.02
C ASP C 219 41.87 23.06 -15.18
N HIS C 220 42.08 22.53 -13.97
CA HIS C 220 40.98 22.17 -13.06
C HIS C 220 40.94 23.07 -11.83
N LYS C 221 40.24 24.21 -11.96
CA LYS C 221 40.09 25.21 -10.90
C LYS C 221 38.86 24.93 -10.07
N PHE C 222 39.05 24.87 -8.75
CA PHE C 222 37.98 24.61 -7.78
C PHE C 222 37.93 25.75 -6.76
N THR C 223 36.72 26.12 -6.33
CA THR C 223 36.51 27.20 -5.34
C THR C 223 36.96 26.66 -3.97
N PRO C 224 37.47 27.50 -3.03
CA PRO C 224 37.85 26.98 -1.72
C PRO C 224 36.78 26.16 -0.99
N LEU C 225 35.47 26.48 -1.15
CA LEU C 225 34.39 25.70 -0.52
C LEU C 225 34.31 24.28 -1.13
N LEU C 226 34.41 24.17 -2.47
CA LEU C 226 34.40 22.89 -3.17
C LEU C 226 35.57 22.01 -2.76
N CYS C 227 36.75 22.62 -2.49
CA CYS C 227 37.99 21.97 -2.02
C CYS C 227 37.79 21.32 -0.66
N GLU C 228 36.96 21.93 0.18
CA GLU C 228 36.64 21.41 1.51
C GLU C 228 35.68 20.24 1.46
N ILE C 229 34.81 20.19 0.43
CA ILE C 229 33.79 19.15 0.35
C ILE C 229 34.17 17.98 -0.61
N TRP C 230 35.10 18.23 -1.54
CA TRP C 230 35.60 17.26 -2.51
C TRP C 230 37.09 17.00 -2.27
N ASP C 231 37.58 15.82 -2.64
CA ASP C 231 39.00 15.52 -2.44
C ASP C 231 39.82 16.05 -3.63
N VAL C 232 39.79 17.39 -3.82
CA VAL C 232 40.47 18.11 -4.90
C VAL C 232 41.29 19.30 -4.38
N GLN C 233 42.36 19.65 -5.10
CA GLN C 233 43.27 20.76 -4.79
C GLN C 233 43.17 21.82 -5.87
N LYS D 1 41.95 18.39 5.70
CA LYS D 1 41.93 18.57 7.15
C LYS D 1 41.20 19.85 7.57
N ASP D 2 41.33 20.92 6.77
CA ASP D 2 40.70 22.21 7.02
C ASP D 2 39.25 22.26 6.53
N HIS D 3 38.36 22.73 7.41
CA HIS D 3 36.93 22.92 7.15
C HIS D 3 36.41 24.26 7.69
N GLN D 4 37.23 25.32 7.58
CA GLN D 4 36.90 26.66 8.08
C GLN D 4 35.61 27.24 7.50
N LEU D 5 35.41 27.10 6.18
CA LEU D 5 34.22 27.61 5.47
C LEU D 5 32.99 26.79 5.82
N LEU D 6 33.15 25.46 5.94
CA LEU D 6 32.07 24.57 6.34
C LEU D 6 31.60 24.92 7.75
N ARG D 7 32.56 25.10 8.69
CA ARG D 7 32.33 25.48 10.09
C ARG D 7 31.59 26.81 10.16
N TYR D 8 32.01 27.78 9.33
CA TYR D 8 31.36 29.07 9.27
C TYR D 8 29.89 28.95 8.82
N LEU D 9 29.62 28.20 7.73
CA LEU D 9 28.26 28.02 7.20
C LEU D 9 27.35 27.31 8.21
N LEU D 10 27.91 26.37 8.99
CA LEU D 10 27.16 25.63 10.00
C LEU D 10 26.85 26.45 11.24
N ASP D 11 27.79 27.32 11.67
CA ASP D 11 27.65 28.09 12.91
C ASP D 11 26.93 29.44 12.76
N LYS D 12 26.74 29.95 11.53
CA LYS D 12 26.05 31.23 11.29
C LYS D 12 24.53 31.13 11.56
N ASP D 13 23.89 32.30 11.78
CA ASP D 13 22.45 32.39 12.08
C ASP D 13 21.71 33.19 10.99
N GLU D 14 21.92 32.80 9.71
CA GLU D 14 21.37 33.40 8.48
C GLU D 14 21.64 34.91 8.36
N1 9LA E . -15.20 -7.34 -0.10
N3 9LA E . -14.27 -8.91 1.22
C4 9LA E . -14.53 -8.26 -0.96
C5 9LA E . -13.97 -9.21 -0.11
C6 9LA E . -14.39 -8.29 -2.33
C7 9LA E . -15.97 -6.12 -0.46
C8 9LA E . -13.24 -10.27 -0.66
C10 9LA E . -15.54 -7.11 2.37
C13 9LA E . -17.18 -6.50 -1.31
C17 9LA E . -15.09 -5.03 -1.08
C20 9LA E . -20.23 -8.61 -3.31
C21 9LA E . -20.32 -10.16 -1.49
C24 9LA E . -18.69 -8.41 -1.47
C26 9LA E . -16.60 -5.82 4.58
C28 9LA E . -19.26 -9.52 -0.86
O16 9LA E . -17.64 -7.79 -0.82
C27 9LA E . -19.17 -7.95 -2.70
C14 9LA E . -20.82 -9.72 -2.71
C12 9LA E . -21.96 -10.43 -3.38
O15 9LA E . -22.23 -11.61 -2.90
O25 9LA E . -22.58 -9.93 -4.30
C32 9LA E . -15.89 -3.79 -1.48
C34 9LA E . -15.01 -2.72 -2.12
C36 9LA E . -13.87 -2.32 -1.20
C35 9LA E . -13.05 -3.53 -0.76
C33 9LA E . -13.95 -4.62 -0.15
C9 9LA E . -13.67 -9.34 -2.85
C11 9LA E . -13.12 -10.30 -2.03
C2 9LA E . -15.00 -7.81 1.18
C18 9LA E . -16.87 -7.32 2.75
C30 9LA E . -17.41 -6.67 3.85
C29 9LA E . -15.29 -5.59 4.22
C19 9LA E . -14.76 -6.24 3.11
CL31 9LA E . -17.27 -4.99 5.96
F23 9LA E . -12.42 -11.29 -2.61
F22 9LA E . -13.51 -9.43 -4.21
N1 9LA F . 24.35 17.73 -13.92
N3 9LA F . 23.82 15.55 -13.69
C4 9LA F . 23.04 17.59 -14.41
C5 9LA F . 22.74 16.23 -14.26
C6 9LA F . 22.15 18.50 -14.93
C7 9LA F . 25.20 18.96 -13.81
C8 9LA F . 21.49 15.77 -14.66
C10 9LA F . 26.08 16.24 -12.92
C13 9LA F . 24.51 19.96 -12.91
C17 9LA F . 25.67 19.53 -15.16
C20 9LA F . 22.33 21.88 -9.93
C21 9LA F . 22.30 19.85 -8.64
C24 9LA F . 23.38 19.89 -10.78
C26 9LA F . 28.51 15.89 -11.66
C28 9LA F . 23.00 19.20 -9.63
O16 9LA F . 24.09 19.22 -11.75
C27 9LA F . 23.04 21.23 -10.93
C14 9LA F . 21.96 21.20 -8.77
C12 9LA F . 21.19 21.92 -7.71
O15 9LA F . 20.67 21.16 -6.79
O25 9LA F . 21.07 23.13 -7.71
C32 9LA F . 26.67 20.68 -14.97
C34 9LA F . 27.13 21.27 -16.31
C36 9LA F . 27.74 20.20 -17.21
C35 9LA F . 26.76 19.05 -17.41
C33 9LA F . 26.29 18.47 -16.07
C9 9LA F . 20.93 18.02 -15.32
C11 9LA F . 20.60 16.68 -15.18
C2 9LA F . 24.74 16.47 -13.52
C18 9LA F . 26.20 16.45 -11.55
C30 9LA F . 27.42 16.27 -10.91
C29 9LA F . 28.42 15.69 -13.03
C19 9LA F . 27.20 15.86 -13.65
CL31 9LA F . 30.04 15.67 -10.87
F23 9LA F . 19.39 16.27 -15.58
F22 9LA F . 20.02 18.86 -15.84
#